data_4GNA
#
_entry.id   4GNA
#
_cell.length_a   101.967
_cell.length_b   101.967
_cell.length_c   147.548
_cell.angle_alpha   90.00
_cell.angle_beta   90.00
_cell.angle_gamma   120.00
#
_symmetry.space_group_name_H-M   'P 31 2 1'
#
loop_
_entity.id
_entity.type
_entity.pdbx_description
1 polymer Regucalcin
2 non-polymer 'CALCIUM ION'
3 non-polymer Xylitol
4 non-polymer 'SULFATE ION'
5 water water
#
_entity_poly.entity_id   1
_entity_poly.type   'polypeptide(L)'
_entity_poly.pdbx_seq_one_letter_code
;MSSIKVECVLRENYRCGESPVWEEASQSLLFVDIPSKIICRWDTVSNQVQRVAVDAPVSSVALRQLGGYVATIGTKFCAL
NWENQSVFVLAMVDEDKKNNRFNDGKVDPAGRYFAGTMAEETAPAVLERHQGSLYSLFPDHSVKKYFDQVDISNGLDWSL
DHKIFYYIDSLSYTVDAFDYDLQTGQISNRRIVYKMEKDEQIPDGMCIDAEGKLWVACYNGGRVIRLDPETGKRLQTVKL
PVDKTTSCCFGGKDYSEMYVTCARDGLNAEGLLRQPDAGNIFKITGLGVKGIAPYSYAG
;
_entity_poly.pdbx_strand_id   A,B
#
loop_
_chem_comp.id
_chem_comp.type
_chem_comp.name
_chem_comp.formula
CA non-polymer 'CALCIUM ION' 'Ca 2'
SO4 non-polymer 'SULFATE ION' 'O4 S -2'
XYL D-saccharide Xylitol 'C5 H12 O5'
#
# COMPACT_ATOMS: atom_id res chain seq x y z
N SER A 3 -20.86 -28.64 3.13
CA SER A 3 -20.42 -28.44 1.75
C SER A 3 -19.89 -27.03 1.53
N ILE A 4 -20.23 -26.11 2.43
CA ILE A 4 -19.72 -24.74 2.37
C ILE A 4 -18.23 -24.76 2.66
N LYS A 5 -17.44 -24.13 1.79
CA LYS A 5 -15.99 -24.12 1.95
C LYS A 5 -15.45 -22.69 1.82
N VAL A 6 -14.69 -22.25 2.82
CA VAL A 6 -14.07 -20.93 2.82
C VAL A 6 -12.58 -21.11 2.67
N GLU A 7 -12.00 -20.54 1.61
CA GLU A 7 -10.56 -20.61 1.47
C GLU A 7 -9.94 -19.31 1.00
N CYS A 8 -8.70 -19.09 1.43
CA CYS A 8 -7.95 -17.92 1.04
C CYS A 8 -7.32 -18.19 -0.31
N VAL A 9 -7.72 -17.42 -1.32
CA VAL A 9 -7.31 -17.72 -2.70
C VAL A 9 -6.27 -16.75 -3.28
N LEU A 10 -6.10 -15.57 -2.68
CA LEU A 10 -5.06 -14.66 -3.15
C LEU A 10 -4.37 -14.01 -1.97
N ARG A 11 -3.10 -14.36 -1.77
CA ARG A 11 -2.37 -13.93 -0.58
C ARG A 11 -1.44 -12.76 -0.87
N GLU A 12 -2.02 -11.57 -1.04
CA GLU A 12 -1.25 -10.40 -1.43
C GLU A 12 -1.19 -9.34 -0.34
N ASN A 13 -1.87 -9.59 0.77
CA ASN A 13 -1.82 -8.71 1.95
C ASN A 13 -2.21 -7.26 1.68
N TYR A 14 -3.36 -7.05 1.04
CA TYR A 14 -3.83 -5.68 0.81
C TYR A 14 -4.14 -4.99 2.12
N ARG A 15 -3.99 -3.68 2.16
CA ARG A 15 -4.33 -2.95 3.38
C ARG A 15 -5.84 -2.89 3.59
N CYS A 16 -6.58 -2.58 2.53
CA CYS A 16 -8.02 -2.58 2.62
C CYS A 16 -8.59 -2.95 1.28
N GLY A 17 -8.68 -4.25 1.02
CA GLY A 17 -9.27 -4.74 -0.20
C GLY A 17 -10.75 -4.37 -0.25
N GLU A 18 -11.23 -3.96 -1.41
CA GLU A 18 -12.61 -3.51 -1.54
C GLU A 18 -13.11 -3.63 -2.97
N SER A 19 -14.43 -3.48 -3.13
CA SER A 19 -15.08 -3.41 -4.45
C SER A 19 -14.76 -4.56 -5.39
N PRO A 20 -14.95 -5.81 -4.93
CA PRO A 20 -14.69 -6.90 -5.88
C PRO A 20 -15.73 -6.95 -7.00
N VAL A 21 -15.26 -7.12 -8.22
CA VAL A 21 -16.13 -7.22 -9.38
C VAL A 21 -15.64 -8.34 -10.28
N TRP A 22 -16.55 -9.23 -10.67
CA TRP A 22 -16.18 -10.35 -11.52
C TRP A 22 -16.26 -9.98 -13.00
N GLU A 23 -15.17 -10.20 -13.73
CA GLU A 23 -15.12 -9.94 -15.16
C GLU A 23 -15.14 -11.28 -15.89
N GLU A 24 -16.32 -11.73 -16.29
CA GLU A 24 -16.42 -13.06 -16.87
C GLU A 24 -15.66 -13.20 -18.20
N ALA A 25 -15.52 -12.10 -18.94
CA ALA A 25 -14.85 -12.17 -20.24
C ALA A 25 -13.42 -12.69 -20.13
N SER A 26 -12.78 -12.46 -18.99
CA SER A 26 -11.40 -12.87 -18.79
C SER A 26 -11.23 -13.81 -17.60
N GLN A 27 -12.34 -14.11 -16.92
CA GLN A 27 -12.30 -14.87 -15.67
C GLN A 27 -11.34 -14.20 -14.67
N SER A 28 -11.45 -12.89 -14.57
CA SER A 28 -10.66 -12.11 -13.62
C SER A 28 -11.51 -11.47 -12.54
N LEU A 29 -10.89 -11.24 -11.38
CA LEU A 29 -11.53 -10.45 -10.34
C LEU A 29 -10.90 -9.08 -10.33
N LEU A 30 -11.72 -8.04 -10.45
CA LEU A 30 -11.22 -6.68 -10.26
C LEU A 30 -11.57 -6.23 -8.85
N PHE A 31 -10.71 -5.41 -8.27
CA PHE A 31 -10.93 -4.89 -6.92
C PHE A 31 -9.98 -3.72 -6.71
N VAL A 32 -10.05 -3.11 -5.52
CA VAL A 32 -9.13 -2.03 -5.21
C VAL A 32 -8.49 -2.31 -3.86
N ASP A 33 -7.38 -1.62 -3.59
CA ASP A 33 -6.83 -1.56 -2.24
C ASP A 33 -6.77 -0.07 -1.94
N ILE A 34 -7.73 0.39 -1.15
CA ILE A 34 -8.03 1.82 -1.09
C ILE A 34 -6.83 2.71 -0.73
N PRO A 35 -6.23 2.50 0.46
CA PRO A 35 -5.14 3.44 0.81
C PRO A 35 -3.87 3.14 0.05
N SER A 36 -3.76 1.98 -0.59
CA SER A 36 -2.58 1.69 -1.39
C SER A 36 -2.66 2.29 -2.79
N LYS A 37 -3.80 2.89 -3.11
CA LYS A 37 -3.96 3.64 -4.37
C LYS A 37 -3.70 2.76 -5.60
N ILE A 38 -4.26 1.56 -5.57
CA ILE A 38 -4.14 0.67 -6.74
C ILE A 38 -5.47 0.05 -7.10
N ILE A 39 -5.72 -0.03 -8.41
CA ILE A 39 -6.80 -0.84 -8.95
C ILE A 39 -6.14 -2.13 -9.38
N CYS A 40 -6.74 -3.25 -9.01
CA CYS A 40 -6.11 -4.53 -9.27
C CYS A 40 -6.95 -5.39 -10.17
N ARG A 41 -6.30 -6.20 -11.00
CA ARG A 41 -7.02 -7.18 -11.79
C ARG A 41 -6.30 -8.50 -11.65
N TRP A 42 -7.00 -9.46 -11.05
CA TRP A 42 -6.44 -10.79 -10.80
C TRP A 42 -7.00 -11.81 -11.78
N ASP A 43 -6.14 -12.33 -12.66
CA ASP A 43 -6.52 -13.38 -13.61
C ASP A 43 -6.53 -14.69 -12.85
N THR A 44 -7.71 -15.28 -12.65
CA THR A 44 -7.83 -16.44 -11.78
C THR A 44 -7.28 -17.74 -12.37
N VAL A 45 -7.02 -17.77 -13.67
CA VAL A 45 -6.48 -18.98 -14.29
C VAL A 45 -4.96 -18.97 -14.39
N SER A 46 -4.39 -17.85 -14.82
CA SER A 46 -2.94 -17.70 -14.86
C SER A 46 -2.42 -17.36 -13.47
N ASN A 47 -3.31 -16.84 -12.63
CA ASN A 47 -2.99 -16.45 -11.24
C ASN A 47 -2.08 -15.22 -11.12
N GLN A 48 -2.02 -14.40 -12.17
CA GLN A 48 -1.21 -13.19 -12.13
C GLN A 48 -2.06 -11.98 -11.74
N VAL A 49 -1.50 -11.06 -10.98
CA VAL A 49 -2.19 -9.82 -10.64
C VAL A 49 -1.55 -8.64 -11.35
N GLN A 50 -2.36 -7.82 -12.01
CA GLN A 50 -1.87 -6.59 -12.59
C GLN A 50 -2.44 -5.43 -11.80
N ARG A 51 -1.63 -4.39 -11.60
CA ARG A 51 -2.07 -3.23 -10.82
C ARG A 51 -1.94 -1.95 -11.64
N VAL A 52 -2.88 -1.04 -11.45
CA VAL A 52 -2.73 0.31 -11.98
C VAL A 52 -2.70 1.26 -10.80
N ALA A 53 -1.56 1.92 -10.60
CA ALA A 53 -1.42 2.90 -9.54
C ALA A 53 -2.14 4.20 -9.92
N VAL A 54 -2.81 4.81 -8.93
CA VAL A 54 -3.49 6.09 -9.13
C VAL A 54 -3.06 7.07 -8.05
N ASP A 55 -3.43 8.33 -8.18
CA ASP A 55 -2.80 9.36 -7.36
C ASP A 55 -3.55 9.77 -6.09
N ALA A 56 -4.63 9.05 -5.79
CA ALA A 56 -5.38 9.31 -4.57
C ALA A 56 -6.05 7.99 -4.20
N PRO A 57 -6.57 7.89 -2.97
CA PRO A 57 -7.25 6.64 -2.62
C PRO A 57 -8.37 6.30 -3.61
N VAL A 58 -8.46 5.04 -4.00
CA VAL A 58 -9.42 4.60 -4.99
C VAL A 58 -10.37 3.61 -4.34
N SER A 59 -11.66 3.91 -4.37
CA SER A 59 -12.60 3.21 -3.51
C SER A 59 -13.48 2.18 -4.21
N SER A 60 -13.61 2.29 -5.53
CA SER A 60 -14.37 1.30 -6.28
C SER A 60 -13.93 1.26 -7.73
N VAL A 61 -14.28 0.19 -8.41
CA VAL A 61 -13.96 0.01 -9.82
C VAL A 61 -15.16 -0.69 -10.43
N ALA A 62 -15.42 -0.42 -11.71
CA ALA A 62 -16.53 -1.06 -12.41
C ALA A 62 -16.15 -1.28 -13.87
N LEU A 63 -16.80 -2.24 -14.53
CA LEU A 63 -16.56 -2.45 -15.96
C LEU A 63 -17.12 -1.29 -16.78
N ARG A 64 -16.42 -0.93 -17.87
CA ARG A 64 -16.93 0.10 -18.78
C ARG A 64 -17.31 -0.58 -20.09
N GLN A 65 -18.59 -0.49 -20.46
CA GLN A 65 -19.10 -1.24 -21.61
C GLN A 65 -18.29 -1.00 -22.89
N LEU A 66 -17.99 0.25 -23.19
CA LEU A 66 -17.30 0.55 -24.46
C LEU A 66 -15.84 0.10 -24.48
N GLY A 67 -15.32 -0.30 -23.31
CA GLY A 67 -13.95 -0.79 -23.19
C GLY A 67 -13.29 -0.27 -21.92
N GLY A 68 -12.45 -1.10 -21.30
CA GLY A 68 -11.76 -0.69 -20.09
C GLY A 68 -12.68 -0.58 -18.88
N TYR A 69 -12.37 0.37 -18.00
CA TYR A 69 -12.98 0.42 -16.67
C TYR A 69 -13.28 1.85 -16.24
N VAL A 70 -14.11 2.00 -15.21
CA VAL A 70 -14.28 3.27 -14.55
C VAL A 70 -13.99 3.04 -13.07
N ALA A 71 -13.68 4.11 -12.34
CA ALA A 71 -13.32 3.97 -10.94
C ALA A 71 -13.60 5.26 -10.21
N THR A 72 -13.67 5.19 -8.90
CA THR A 72 -13.86 6.40 -8.11
C THR A 72 -12.57 6.67 -7.36
N ILE A 73 -11.88 7.74 -7.75
CA ILE A 73 -10.55 8.05 -7.22
C ILE A 73 -10.68 9.40 -6.53
N GLY A 74 -10.43 9.43 -5.23
CA GLY A 74 -10.69 10.66 -4.49
C GLY A 74 -12.17 10.98 -4.55
N THR A 75 -12.52 12.21 -4.93
CA THR A 75 -13.92 12.55 -5.17
C THR A 75 -14.23 12.67 -6.67
N LYS A 76 -13.55 11.88 -7.49
CA LYS A 76 -13.72 11.96 -8.93
C LYS A 76 -14.14 10.64 -9.56
N PHE A 77 -15.13 10.69 -10.45
CA PHE A 77 -15.44 9.56 -11.33
C PHE A 77 -14.41 9.62 -12.45
N CYS A 78 -13.72 8.50 -12.71
CA CYS A 78 -12.63 8.45 -13.69
C CYS A 78 -12.78 7.29 -14.65
N ALA A 79 -12.19 7.42 -15.83
CA ALA A 79 -12.21 6.34 -16.80
C ALA A 79 -10.78 5.84 -16.93
N LEU A 80 -10.63 4.54 -17.11
CA LEU A 80 -9.31 3.92 -17.17
C LEU A 80 -9.16 3.08 -18.44
N ASN A 81 -8.07 3.31 -19.17
CA ASN A 81 -7.69 2.43 -20.26
C ASN A 81 -6.61 1.49 -19.73
N TRP A 82 -6.90 0.20 -19.67
CA TRP A 82 -6.00 -0.73 -19.01
C TRP A 82 -4.72 -0.95 -19.79
N GLU A 83 -4.80 -0.77 -21.11
CA GLU A 83 -3.65 -1.05 -21.98
C GLU A 83 -2.51 -0.06 -21.78
N ASN A 84 -2.84 1.23 -21.73
CA ASN A 84 -1.81 2.24 -21.53
C ASN A 84 -1.84 2.85 -20.14
N GLN A 85 -2.77 2.36 -19.31
CA GLN A 85 -2.93 2.82 -17.94
C GLN A 85 -3.25 4.31 -17.82
N SER A 86 -3.87 4.84 -18.87
N SER A 86 -3.88 4.87 -18.84
CA SER A 86 -4.32 6.23 -18.88
CA SER A 86 -4.24 6.28 -18.78
C SER A 86 -5.60 6.33 -18.06
C SER A 86 -5.53 6.43 -17.98
N VAL A 87 -5.65 7.32 -17.17
N VAL A 87 -5.58 7.47 -17.18
CA VAL A 87 -6.87 7.62 -16.45
CA VAL A 87 -6.74 7.74 -16.33
C VAL A 87 -7.19 9.11 -16.56
C VAL A 87 -7.17 9.18 -16.57
N PHE A 88 -8.47 9.40 -16.79
CA PHE A 88 -8.95 10.77 -16.91
C PHE A 88 -10.28 10.98 -16.22
N VAL A 89 -10.54 12.22 -15.85
CA VAL A 89 -11.71 12.53 -15.03
C VAL A 89 -12.96 12.68 -15.88
N LEU A 90 -14.03 12.00 -15.49
CA LEU A 90 -15.32 12.13 -16.17
C LEU A 90 -16.18 13.18 -15.47
N ALA A 91 -16.07 13.23 -14.15
CA ALA A 91 -16.88 14.15 -13.35
C ALA A 91 -16.33 14.21 -11.95
N MET A 92 -16.54 15.34 -11.27
CA MET A 92 -16.08 15.48 -9.89
C MET A 92 -17.26 15.86 -8.99
N VAL A 93 -17.22 15.43 -7.73
CA VAL A 93 -18.28 15.74 -6.78
C VAL A 93 -17.69 16.30 -5.49
N ASP A 94 -18.55 16.84 -4.63
CA ASP A 94 -18.13 17.31 -3.31
C ASP A 94 -16.99 18.31 -3.38
N GLU A 95 -17.07 19.24 -4.32
CA GLU A 95 -15.98 20.19 -4.49
C GLU A 95 -15.90 21.15 -3.32
N ASP A 96 -17.00 21.28 -2.59
CA ASP A 96 -17.08 22.18 -1.45
C ASP A 96 -16.57 21.53 -0.16
N LYS A 97 -16.18 20.26 -0.24
CA LYS A 97 -15.75 19.53 0.94
C LYS A 97 -14.23 19.51 1.04
N LYS A 98 -13.71 19.77 2.25
CA LYS A 98 -12.27 19.86 2.45
C LYS A 98 -11.57 18.50 2.39
N ASN A 99 -12.26 17.45 2.84
CA ASN A 99 -11.59 16.19 3.08
C ASN A 99 -12.49 14.97 2.86
N ASN A 100 -13.22 14.96 1.74
CA ASN A 100 -14.10 13.82 1.44
C ASN A 100 -13.43 12.87 0.46
N ARG A 101 -13.96 11.65 0.38
CA ARG A 101 -13.62 10.74 -0.70
C ARG A 101 -14.82 9.89 -1.06
N PHE A 102 -14.84 9.34 -2.27
CA PHE A 102 -15.85 8.34 -2.61
C PHE A 102 -15.56 7.11 -1.78
N ASN A 103 -16.60 6.32 -1.53
CA ASN A 103 -16.45 4.98 -0.98
C ASN A 103 -17.07 3.96 -1.93
N ASP A 104 -18.09 3.21 -1.51
CA ASP A 104 -18.56 2.12 -2.37
C ASP A 104 -19.35 2.62 -3.58
N GLY A 105 -19.28 1.87 -4.67
CA GLY A 105 -19.99 2.21 -5.89
C GLY A 105 -20.27 0.95 -6.70
N LYS A 106 -21.26 1.02 -7.59
CA LYS A 106 -21.68 -0.13 -8.38
C LYS A 106 -22.55 0.38 -9.52
N VAL A 107 -22.56 -0.33 -10.64
CA VAL A 107 -23.31 0.11 -11.82
C VAL A 107 -24.74 -0.44 -11.78
N ASP A 108 -25.73 0.42 -12.03
CA ASP A 108 -27.15 0.02 -11.96
C ASP A 108 -27.56 -0.74 -13.23
N PRO A 109 -28.80 -1.26 -13.28
CA PRO A 109 -29.08 -2.09 -14.46
C PRO A 109 -29.21 -1.32 -15.76
N ALA A 110 -29.18 0.01 -15.71
CA ALA A 110 -29.22 0.79 -16.95
C ALA A 110 -27.85 1.38 -17.29
N GLY A 111 -26.81 0.94 -16.60
CA GLY A 111 -25.47 1.40 -16.92
C GLY A 111 -25.05 2.70 -16.26
N ARG A 112 -25.73 3.09 -15.17
CA ARG A 112 -25.36 4.29 -14.43
C ARG A 112 -24.47 3.88 -13.26
N TYR A 113 -23.38 4.62 -13.06
CA TYR A 113 -22.42 4.30 -12.00
C TYR A 113 -22.80 5.02 -10.72
N PHE A 114 -23.49 4.33 -9.81
CA PHE A 114 -23.80 4.88 -8.47
C PHE A 114 -22.58 4.82 -7.57
N ALA A 115 -22.34 5.90 -6.80
CA ALA A 115 -21.27 5.88 -5.81
C ALA A 115 -21.51 6.99 -4.82
N GLY A 116 -21.19 6.73 -3.56
CA GLY A 116 -21.39 7.73 -2.54
C GLY A 116 -20.12 8.10 -1.82
N THR A 117 -20.17 9.20 -1.07
CA THR A 117 -18.97 9.71 -0.43
C THR A 117 -19.01 9.61 1.10
N MET A 118 -17.94 10.11 1.72
CA MET A 118 -17.77 10.09 3.16
C MET A 118 -16.69 11.11 3.50
N ALA A 119 -16.69 11.60 4.74
CA ALA A 119 -15.55 12.37 5.22
C ALA A 119 -14.39 11.39 5.37
N GLU A 120 -13.15 11.85 5.19
CA GLU A 120 -12.02 10.93 5.36
C GLU A 120 -11.81 10.63 6.83
N GLU A 121 -11.47 9.37 7.12
CA GLU A 121 -11.33 8.86 8.48
C GLU A 121 -9.96 9.17 9.07
N THR A 122 -9.91 9.28 10.40
CA THR A 122 -8.64 9.28 11.13
C THR A 122 -8.37 7.88 11.68
N ALA A 123 -9.43 7.07 11.71
CA ALA A 123 -9.36 5.68 12.15
C ALA A 123 -10.65 5.04 11.65
N PRO A 124 -10.72 3.70 11.59
CA PRO A 124 -11.95 3.08 11.08
C PRO A 124 -13.21 3.59 11.80
N ALA A 125 -14.14 4.12 11.00
CA ALA A 125 -15.38 4.71 11.50
C ALA A 125 -15.18 5.88 12.48
N VAL A 126 -14.07 6.59 12.34
CA VAL A 126 -13.84 7.82 13.11
C VAL A 126 -13.65 9.00 12.14
N LEU A 127 -14.65 9.87 12.08
CA LEU A 127 -14.74 10.89 11.02
C LEU A 127 -15.80 11.93 11.37
N GLU A 128 -15.78 13.05 10.65
CA GLU A 128 -16.82 14.06 10.77
C GLU A 128 -18.13 13.44 10.27
N ARG A 129 -19.23 13.64 10.99
CA ARG A 129 -20.46 12.94 10.61
C ARG A 129 -21.23 13.65 9.49
N HIS A 130 -21.98 12.85 8.74
CA HIS A 130 -22.99 13.31 7.80
C HIS A 130 -22.43 14.17 6.67
N GLN A 131 -21.21 13.87 6.25
CA GLN A 131 -20.56 14.67 5.20
C GLN A 131 -20.70 14.10 3.79
N GLY A 132 -21.18 12.87 3.68
CA GLY A 132 -21.24 12.23 2.38
C GLY A 132 -22.57 12.43 1.69
N SER A 133 -22.61 12.07 0.41
CA SER A 133 -23.84 12.06 -0.36
C SER A 133 -23.81 10.89 -1.31
N LEU A 134 -24.97 10.46 -1.77
CA LEU A 134 -25.02 9.46 -2.84
C LEU A 134 -25.17 10.15 -4.18
N TYR A 135 -24.36 9.70 -5.15
CA TYR A 135 -24.38 10.25 -6.50
C TYR A 135 -24.54 9.13 -7.51
N SER A 136 -24.88 9.48 -8.75
CA SER A 136 -24.68 8.52 -9.82
C SER A 136 -24.20 9.26 -11.05
N LEU A 137 -23.29 8.61 -11.77
CA LEU A 137 -22.79 9.15 -13.02
C LEU A 137 -23.63 8.53 -14.14
N PHE A 138 -24.36 9.37 -14.87
CA PHE A 138 -25.21 8.88 -15.94
C PHE A 138 -24.36 8.61 -17.19
N PRO A 139 -24.90 7.83 -18.15
CA PRO A 139 -24.13 7.49 -19.35
C PRO A 139 -23.65 8.69 -20.15
N ASP A 140 -24.28 9.85 -19.98
CA ASP A 140 -23.85 11.06 -20.69
C ASP A 140 -22.86 11.88 -19.87
N HIS A 141 -22.38 11.29 -18.78
CA HIS A 141 -21.37 11.88 -17.90
C HIS A 141 -21.91 12.98 -16.98
N SER A 142 -23.22 13.19 -16.99
CA SER A 142 -23.82 14.10 -16.02
C SER A 142 -23.90 13.35 -14.69
N VAL A 143 -23.97 14.11 -13.60
CA VAL A 143 -24.03 13.53 -12.26
C VAL A 143 -25.33 13.92 -11.57
N LYS A 144 -26.05 12.92 -11.06
CA LYS A 144 -27.23 13.18 -10.25
C LYS A 144 -26.84 13.04 -8.77
N LYS A 145 -27.26 13.99 -7.94
CA LYS A 145 -27.09 13.86 -6.49
C LYS A 145 -28.41 13.43 -5.87
N TYR A 146 -28.39 12.34 -5.11
CA TYR A 146 -29.63 11.74 -4.59
C TYR A 146 -30.05 12.22 -3.21
N PHE A 147 -29.10 12.24 -2.27
CA PHE A 147 -29.37 12.69 -0.91
C PHE A 147 -28.05 12.89 -0.21
N ASP A 148 -28.06 13.73 0.82
CA ASP A 148 -26.85 14.00 1.58
C ASP A 148 -26.99 13.44 2.99
N GLN A 149 -26.23 14.01 3.92
CA GLN A 149 -26.24 13.57 5.33
C GLN A 149 -25.78 12.13 5.53
N VAL A 150 -25.00 11.60 4.59
CA VAL A 150 -24.49 10.22 4.71
C VAL A 150 -23.25 10.20 5.60
N ASP A 151 -23.15 9.24 6.51
CA ASP A 151 -21.89 9.06 7.26
C ASP A 151 -20.81 8.39 6.40
N ILE A 152 -21.07 7.14 6.02
CA ILE A 152 -20.14 6.40 5.20
C ILE A 152 -20.93 5.64 4.15
N SER A 153 -20.88 6.09 2.91
CA SER A 153 -21.67 5.45 1.87
C SER A 153 -21.08 4.09 1.57
N ASN A 154 -21.90 3.04 1.62
CA ASN A 154 -21.34 1.72 1.44
C ASN A 154 -22.13 0.80 0.51
N GLY A 155 -22.32 -0.46 0.90
CA GLY A 155 -22.91 -1.47 0.02
C GLY A 155 -24.22 -1.10 -0.67
N LEU A 156 -24.41 -1.61 -1.88
CA LEU A 156 -25.57 -1.23 -2.69
C LEU A 156 -25.84 -2.25 -3.78
N ASP A 157 -27.12 -2.42 -4.13
CA ASP A 157 -27.48 -3.28 -5.25
C ASP A 157 -28.94 -3.04 -5.63
N TRP A 158 -29.43 -3.78 -6.64
CA TRP A 158 -30.76 -3.56 -7.19
C TRP A 158 -31.51 -4.88 -7.24
N SER A 159 -32.81 -4.84 -6.93
CA SER A 159 -33.65 -6.04 -7.01
C SER A 159 -33.68 -6.54 -8.46
N LEU A 160 -33.98 -7.83 -8.62
N LEU A 160 -34.00 -7.83 -8.62
CA LEU A 160 -33.94 -8.48 -9.93
CA LEU A 160 -33.93 -8.45 -9.93
C LEU A 160 -35.01 -7.94 -10.88
C LEU A 160 -35.00 -7.92 -10.88
N ASP A 161 -36.08 -7.39 -10.31
CA ASP A 161 -37.15 -6.80 -11.12
C ASP A 161 -36.89 -5.34 -11.42
N HIS A 162 -35.74 -4.83 -10.96
CA HIS A 162 -35.32 -3.46 -11.24
C HIS A 162 -36.28 -2.40 -10.73
N LYS A 163 -36.99 -2.71 -9.65
CA LYS A 163 -37.91 -1.74 -9.05
C LYS A 163 -37.48 -1.28 -7.65
N ILE A 164 -36.42 -1.89 -7.13
CA ILE A 164 -35.95 -1.58 -5.77
C ILE A 164 -34.42 -1.39 -5.74
N PHE A 165 -33.99 -0.36 -5.03
CA PHE A 165 -32.55 -0.09 -4.81
C PHE A 165 -32.26 -0.32 -3.34
N TYR A 166 -31.25 -1.15 -3.04
CA TYR A 166 -30.83 -1.43 -1.67
C TYR A 166 -29.56 -0.65 -1.35
N TYR A 167 -29.45 -0.13 -0.14
CA TYR A 167 -28.37 0.81 0.18
C TYR A 167 -27.93 0.76 1.63
N ILE A 168 -26.62 0.79 1.84
CA ILE A 168 -26.09 0.82 3.19
C ILE A 168 -25.29 2.10 3.46
N ASP A 169 -25.71 2.86 4.48
CA ASP A 169 -24.83 3.85 5.11
C ASP A 169 -24.33 3.13 6.34
N SER A 170 -23.04 2.81 6.36
CA SER A 170 -22.47 1.89 7.37
C SER A 170 -22.80 2.28 8.79
N LEU A 171 -22.73 3.57 9.10
CA LEU A 171 -22.88 3.96 10.50
C LEU A 171 -24.34 4.14 10.92
N SER A 172 -25.27 3.80 10.03
CA SER A 172 -26.69 3.74 10.39
C SER A 172 -27.05 2.34 10.88
N TYR A 173 -26.17 1.38 10.62
CA TYR A 173 -26.35 -0.01 11.06
C TYR A 173 -27.63 -0.66 10.54
N THR A 174 -28.10 -0.21 9.38
CA THR A 174 -29.24 -0.81 8.71
C THR A 174 -28.97 -0.96 7.23
N VAL A 175 -29.65 -1.92 6.62
CA VAL A 175 -29.75 -2.00 5.17
C VAL A 175 -31.08 -1.36 4.80
N ASP A 176 -31.07 -0.42 3.87
CA ASP A 176 -32.27 0.31 3.50
C ASP A 176 -32.71 -0.03 2.08
N ALA A 177 -33.97 0.24 1.76
CA ALA A 177 -34.45 0.06 0.39
C ALA A 177 -35.16 1.31 -0.07
N PHE A 178 -35.16 1.56 -1.39
CA PHE A 178 -35.86 2.69 -1.98
C PHE A 178 -36.68 2.14 -3.14
N ASP A 179 -37.81 2.76 -3.47
CA ASP A 179 -38.38 2.49 -4.79
C ASP A 179 -37.40 3.05 -5.81
N TYR A 180 -37.25 2.36 -6.94
CA TYR A 180 -36.27 2.74 -7.95
C TYR A 180 -36.89 2.69 -9.36
N ASP A 181 -36.65 3.71 -10.16
CA ASP A 181 -37.18 3.72 -11.53
C ASP A 181 -36.07 3.52 -12.55
N LEU A 182 -36.13 2.40 -13.25
CA LEU A 182 -35.09 2.00 -14.19
C LEU A 182 -34.85 3.03 -15.29
N GLN A 183 -35.93 3.55 -15.87
CA GLN A 183 -35.78 4.44 -17.02
C GLN A 183 -35.14 5.78 -16.70
N THR A 184 -35.31 6.26 -15.46
CA THR A 184 -34.82 7.59 -15.09
C THR A 184 -33.72 7.57 -14.03
N GLY A 185 -33.60 6.44 -13.32
CA GLY A 185 -32.59 6.32 -12.27
C GLY A 185 -32.99 7.03 -10.99
N GLN A 186 -34.28 7.37 -10.87
CA GLN A 186 -34.76 8.07 -9.68
C GLN A 186 -35.07 7.07 -8.57
N ILE A 187 -34.96 7.53 -7.32
CA ILE A 187 -35.34 6.70 -6.18
C ILE A 187 -36.25 7.48 -5.25
N SER A 188 -36.98 6.75 -4.42
N SER A 188 -37.00 6.76 -4.42
CA SER A 188 -37.97 7.35 -3.54
CA SER A 188 -37.88 7.41 -3.44
C SER A 188 -38.34 6.40 -2.40
C SER A 188 -38.31 6.42 -2.38
N ASN A 189 -38.97 6.94 -1.36
CA ASN A 189 -39.57 6.13 -0.30
C ASN A 189 -38.56 5.25 0.47
N ARG A 190 -37.57 5.90 1.08
CA ARG A 190 -36.53 5.17 1.83
C ARG A 190 -37.12 4.48 3.04
N ARG A 191 -36.76 3.23 3.26
CA ARG A 191 -37.15 2.51 4.47
C ARG A 191 -36.12 1.48 4.87
N ILE A 192 -36.13 1.11 6.14
CA ILE A 192 -35.23 0.06 6.64
C ILE A 192 -35.72 -1.31 6.21
N VAL A 193 -34.84 -2.15 5.68
CA VAL A 193 -35.19 -3.56 5.41
C VAL A 193 -34.45 -4.58 6.27
N TYR A 194 -33.35 -4.19 6.90
CA TYR A 194 -32.67 -5.07 7.86
C TYR A 194 -31.95 -4.26 8.92
N LYS A 195 -32.14 -4.65 10.19
CA LYS A 195 -31.44 -4.00 11.30
C LYS A 195 -30.31 -4.91 11.75
N MET A 196 -29.06 -4.42 11.65
CA MET A 196 -27.90 -5.21 12.06
C MET A 196 -27.95 -5.54 13.55
N GLU A 197 -27.61 -6.79 13.89
CA GLU A 197 -27.46 -7.17 15.27
C GLU A 197 -26.11 -6.73 15.79
N LYS A 198 -25.96 -6.61 17.10
CA LYS A 198 -24.69 -6.13 17.67
C LYS A 198 -23.50 -6.95 17.18
N ASP A 199 -23.62 -8.27 17.23
CA ASP A 199 -22.51 -9.13 16.89
C ASP A 199 -22.21 -9.15 15.39
N GLU A 200 -23.09 -8.53 14.60
CA GLU A 200 -22.84 -8.42 13.17
C GLU A 200 -22.02 -7.18 12.82
N GLN A 201 -21.78 -6.34 13.82
CA GLN A 201 -20.89 -5.19 13.69
C GLN A 201 -21.31 -4.21 12.60
N ILE A 202 -20.38 -3.79 11.75
CA ILE A 202 -20.67 -2.71 10.80
C ILE A 202 -21.01 -3.23 9.40
N PRO A 203 -22.20 -2.90 8.87
CA PRO A 203 -22.53 -3.38 7.53
C PRO A 203 -21.67 -2.63 6.51
N ASP A 204 -21.06 -3.36 5.58
CA ASP A 204 -20.09 -2.78 4.67
C ASP A 204 -20.59 -3.00 3.23
N GLY A 205 -19.94 -3.87 2.48
CA GLY A 205 -20.37 -4.14 1.11
C GLY A 205 -21.54 -5.11 1.02
N MET A 206 -22.20 -5.15 -0.13
CA MET A 206 -23.42 -5.95 -0.29
C MET A 206 -23.60 -6.39 -1.73
N CYS A 207 -24.09 -7.62 -1.93
CA CYS A 207 -24.53 -7.99 -3.28
C CYS A 207 -25.79 -8.85 -3.22
N ILE A 208 -26.54 -8.83 -4.31
CA ILE A 208 -27.78 -9.61 -4.37
C ILE A 208 -27.50 -10.97 -5.01
N ASP A 209 -28.30 -11.98 -4.67
CA ASP A 209 -28.16 -13.28 -5.33
C ASP A 209 -29.33 -13.54 -6.28
N ALA A 210 -29.28 -14.66 -6.98
CA ALA A 210 -30.25 -14.95 -8.03
C ALA A 210 -31.65 -15.21 -7.48
N GLU A 211 -31.76 -15.34 -6.15
CA GLU A 211 -33.05 -15.52 -5.51
C GLU A 211 -33.52 -14.23 -4.84
N GLY A 212 -32.81 -13.14 -5.09
CA GLY A 212 -33.25 -11.83 -4.60
C GLY A 212 -32.91 -11.56 -3.14
N LYS A 213 -32.10 -12.43 -2.54
CA LYS A 213 -31.65 -12.24 -1.17
C LYS A 213 -30.36 -11.41 -1.20
N LEU A 214 -30.07 -10.72 -0.09
CA LEU A 214 -28.90 -9.83 -0.05
C LEU A 214 -27.81 -10.46 0.80
N TRP A 215 -26.56 -10.38 0.34
CA TRP A 215 -25.43 -10.83 1.17
C TRP A 215 -24.64 -9.60 1.59
N VAL A 216 -24.39 -9.47 2.89
CA VAL A 216 -23.74 -8.29 3.43
C VAL A 216 -22.45 -8.68 4.16
N ALA A 217 -21.35 -8.03 3.79
CA ALA A 217 -20.09 -8.23 4.49
C ALA A 217 -20.12 -7.43 5.78
N CYS A 218 -19.74 -8.08 6.88
CA CYS A 218 -19.82 -7.45 8.19
C CYS A 218 -18.44 -7.03 8.69
N TYR A 219 -18.15 -5.74 8.55
CA TYR A 219 -16.81 -5.24 8.89
C TYR A 219 -16.64 -5.29 10.41
N ASN A 220 -15.59 -5.98 10.86
CA ASN A 220 -15.31 -6.33 12.26
C ASN A 220 -16.08 -7.57 12.74
N GLY A 221 -17.03 -8.04 11.92
CA GLY A 221 -17.84 -9.19 12.31
C GLY A 221 -17.31 -10.53 11.80
N GLY A 222 -16.29 -10.47 10.93
CA GLY A 222 -15.70 -11.67 10.36
C GLY A 222 -16.70 -12.65 9.74
N ARG A 223 -17.62 -12.12 8.94
CA ARG A 223 -18.69 -12.93 8.38
C ARG A 223 -19.37 -12.23 7.22
N VAL A 224 -20.03 -13.01 6.38
CA VAL A 224 -21.06 -12.46 5.51
C VAL A 224 -22.38 -13.01 6.03
N ILE A 225 -23.44 -12.23 5.91
CA ILE A 225 -24.77 -12.70 6.29
C ILE A 225 -25.70 -12.60 5.10
N ARG A 226 -26.64 -13.53 5.00
CA ARG A 226 -27.64 -13.53 3.94
C ARG A 226 -28.97 -13.06 4.52
N LEU A 227 -29.62 -12.11 3.83
CA LEU A 227 -30.78 -11.42 4.36
C LEU A 227 -31.95 -11.51 3.40
N ASP A 228 -33.17 -11.64 3.94
CA ASP A 228 -34.36 -11.52 3.10
C ASP A 228 -34.96 -10.14 3.29
N PRO A 229 -34.83 -9.27 2.27
CA PRO A 229 -35.32 -7.90 2.46
C PRO A 229 -36.85 -7.80 2.55
N GLU A 230 -37.54 -8.86 2.16
CA GLU A 230 -39.01 -8.87 2.25
C GLU A 230 -39.48 -9.04 3.68
N THR A 231 -38.76 -9.86 4.45
CA THR A 231 -39.17 -10.19 5.81
C THR A 231 -38.36 -9.46 6.88
N GLY A 232 -37.17 -9.00 6.49
CA GLY A 232 -36.28 -8.36 7.44
C GLY A 232 -35.53 -9.36 8.30
N LYS A 233 -35.53 -10.62 7.87
CA LYS A 233 -34.86 -11.66 8.66
C LYS A 233 -33.57 -12.13 8.05
N ARG A 234 -32.59 -12.45 8.90
CA ARG A 234 -31.37 -13.07 8.44
C ARG A 234 -31.65 -14.54 8.12
N LEU A 235 -31.15 -15.01 6.99
CA LEU A 235 -31.34 -16.40 6.56
C LEU A 235 -30.16 -17.28 6.89
N GLN A 236 -28.98 -16.68 6.97
CA GLN A 236 -27.75 -17.46 7.02
C GLN A 236 -26.55 -16.60 7.41
N THR A 237 -25.56 -17.22 8.07
CA THR A 237 -24.29 -16.57 8.40
C THR A 237 -23.14 -17.47 7.97
N VAL A 238 -22.14 -16.92 7.30
CA VAL A 238 -20.94 -17.68 6.96
C VAL A 238 -19.75 -16.94 7.55
N LYS A 239 -19.04 -17.59 8.48
CA LYS A 239 -17.90 -16.92 9.12
C LYS A 239 -16.60 -17.11 8.37
N LEU A 240 -15.72 -16.11 8.49
CA LEU A 240 -14.39 -16.15 7.89
C LEU A 240 -13.35 -15.93 8.97
N PRO A 241 -12.11 -16.39 8.74
CA PRO A 241 -11.00 -16.25 9.69
C PRO A 241 -10.34 -14.87 9.71
N VAL A 242 -11.01 -13.88 9.13
CA VAL A 242 -10.54 -12.50 9.18
C VAL A 242 -11.70 -11.63 9.66
N ASP A 243 -11.44 -10.67 10.54
CA ASP A 243 -12.55 -9.92 11.14
C ASP A 243 -13.05 -8.79 10.26
N LYS A 244 -12.13 -8.14 9.55
CA LYS A 244 -12.51 -6.95 8.80
C LYS A 244 -12.93 -7.30 7.37
N THR A 245 -13.99 -8.10 7.26
CA THR A 245 -14.54 -8.48 5.96
C THR A 245 -15.24 -7.24 5.39
N THR A 246 -14.87 -6.83 4.18
CA THR A 246 -15.34 -5.53 3.67
C THR A 246 -16.41 -5.62 2.58
N SER A 247 -16.30 -6.59 1.70
CA SER A 247 -17.27 -6.66 0.61
C SER A 247 -17.32 -8.05 0.02
N CYS A 248 -18.29 -8.25 -0.87
CA CYS A 248 -18.45 -9.54 -1.51
C CYS A 248 -19.13 -9.38 -2.87
N CYS A 249 -18.86 -10.34 -3.76
CA CYS A 249 -19.55 -10.41 -5.05
C CYS A 249 -19.56 -11.86 -5.46
N PHE A 250 -20.41 -12.20 -6.43
CA PHE A 250 -20.38 -13.54 -6.99
C PHE A 250 -19.54 -13.57 -8.25
N GLY A 251 -18.89 -14.69 -8.49
CA GLY A 251 -18.03 -14.87 -9.64
C GLY A 251 -17.85 -16.35 -9.96
N GLY A 252 -16.81 -16.65 -10.74
CA GLY A 252 -16.58 -18.01 -11.18
C GLY A 252 -17.61 -18.48 -12.19
N LYS A 253 -17.63 -19.78 -12.46
CA LYS A 253 -18.58 -20.37 -13.42
C LYS A 253 -20.03 -20.17 -13.00
N ASP A 254 -20.80 -19.51 -13.86
CA ASP A 254 -22.21 -19.27 -13.63
C ASP A 254 -22.48 -18.58 -12.29
N TYR A 255 -21.51 -17.77 -11.85
CA TYR A 255 -21.66 -16.97 -10.63
C TYR A 255 -21.97 -17.80 -9.40
N SER A 256 -21.34 -18.97 -9.32
CA SER A 256 -21.61 -19.93 -8.26
C SER A 256 -20.66 -19.78 -7.08
N GLU A 257 -19.62 -18.97 -7.23
CA GLU A 257 -18.64 -18.77 -6.15
C GLU A 257 -18.72 -17.35 -5.62
N MET A 258 -18.46 -17.15 -4.33
CA MET A 258 -18.49 -15.82 -3.76
C MET A 258 -17.07 -15.38 -3.42
N TYR A 259 -16.69 -14.19 -3.87
CA TYR A 259 -15.41 -13.62 -3.50
C TYR A 259 -15.60 -12.60 -2.39
N VAL A 260 -14.72 -12.64 -1.39
CA VAL A 260 -14.85 -11.74 -0.24
C VAL A 260 -13.53 -10.99 -0.03
N THR A 261 -13.61 -9.67 0.06
CA THR A 261 -12.41 -8.87 0.32
C THR A 261 -12.34 -8.56 1.81
N CYS A 262 -11.15 -8.19 2.29
CA CYS A 262 -11.01 -7.83 3.68
C CYS A 262 -9.82 -6.92 3.90
N ALA A 263 -9.63 -6.48 5.14
CA ALA A 263 -8.63 -5.47 5.45
C ALA A 263 -7.71 -5.88 6.59
N ARG A 264 -6.49 -5.35 6.56
CA ARG A 264 -5.59 -5.45 7.70
C ARG A 264 -5.38 -4.10 8.39
N ASP A 265 -5.76 -3.00 7.74
CA ASP A 265 -5.68 -1.68 8.40
C ASP A 265 -6.52 -1.65 9.68
N GLY A 266 -5.97 -1.04 10.72
CA GLY A 266 -6.70 -0.93 11.98
C GLY A 266 -6.46 -2.08 12.95
N LEU A 267 -5.75 -3.11 12.49
N LEU A 267 -5.76 -3.12 12.49
CA LEU A 267 -5.36 -4.23 13.34
CA LEU A 267 -5.40 -4.22 13.38
C LEU A 267 -4.10 -3.88 14.11
C LEU A 267 -4.11 -3.89 14.12
N ASN A 268 -4.06 -4.20 15.41
CA ASN A 268 -2.82 -4.04 16.15
C ASN A 268 -1.93 -5.27 15.95
N ALA A 269 -0.76 -5.29 16.57
CA ALA A 269 0.17 -6.40 16.36
C ALA A 269 -0.45 -7.75 16.73
N GLU A 270 -1.21 -7.79 17.83
CA GLU A 270 -1.88 -9.03 18.25
C GLU A 270 -2.91 -9.46 17.21
N GLY A 271 -3.65 -8.49 16.68
CA GLY A 271 -4.67 -8.78 15.67
C GLY A 271 -4.08 -9.35 14.40
N LEU A 272 -2.97 -8.77 13.95
CA LEU A 272 -2.25 -9.27 12.78
C LEU A 272 -1.80 -10.73 12.96
N LEU A 273 -1.33 -11.06 14.15
CA LEU A 273 -0.89 -12.43 14.41
C LEU A 273 -2.07 -13.41 14.45
N ARG A 274 -3.19 -12.96 15.00
CA ARG A 274 -4.39 -13.80 15.07
C ARG A 274 -5.04 -13.96 13.70
N GLN A 275 -4.78 -13.00 12.82
CA GLN A 275 -5.38 -12.99 11.48
C GLN A 275 -4.31 -12.90 10.40
N PRO A 276 -3.55 -14.00 10.19
CA PRO A 276 -2.44 -13.98 9.24
C PRO A 276 -2.91 -13.71 7.81
N ASP A 277 -4.18 -13.96 7.52
CA ASP A 277 -4.69 -13.72 6.17
C ASP A 277 -5.44 -12.41 6.00
N ALA A 278 -5.32 -11.51 6.99
CA ALA A 278 -5.94 -10.20 6.91
C ALA A 278 -5.45 -9.47 5.66
N GLY A 279 -6.37 -8.95 4.86
CA GLY A 279 -6.00 -8.27 3.63
C GLY A 279 -6.05 -9.15 2.39
N ASN A 280 -6.18 -10.45 2.59
CA ASN A 280 -6.19 -11.37 1.46
C ASN A 280 -7.58 -11.52 0.85
N ILE A 281 -7.66 -12.17 -0.30
CA ILE A 281 -8.95 -12.43 -0.94
C ILE A 281 -9.40 -13.83 -0.61
N PHE A 282 -10.66 -13.97 -0.22
CA PHE A 282 -11.25 -15.26 0.09
C PHE A 282 -12.28 -15.65 -0.95
N LYS A 283 -12.51 -16.95 -1.08
CA LYS A 283 -13.56 -17.48 -1.92
C LYS A 283 -14.43 -18.42 -1.11
N ILE A 284 -15.74 -18.30 -1.27
CA ILE A 284 -16.67 -19.19 -0.58
C ILE A 284 -17.40 -20.03 -1.62
N THR A 285 -17.26 -21.36 -1.50
CA THR A 285 -17.95 -22.26 -2.43
C THR A 285 -19.01 -23.08 -1.70
N GLY A 286 -20.00 -23.56 -2.44
CA GLY A 286 -21.03 -24.42 -1.87
C GLY A 286 -22.15 -23.72 -1.14
N LEU A 287 -22.37 -22.44 -1.45
CA LEU A 287 -23.47 -21.70 -0.82
C LEU A 287 -24.83 -22.18 -1.27
N GLY A 288 -24.89 -22.84 -2.42
CA GLY A 288 -26.13 -23.40 -2.91
C GLY A 288 -27.05 -22.38 -3.56
N VAL A 289 -26.49 -21.23 -3.92
CA VAL A 289 -27.21 -20.21 -4.66
C VAL A 289 -26.19 -19.51 -5.55
N LYS A 290 -26.64 -18.94 -6.67
CA LYS A 290 -25.75 -18.21 -7.56
C LYS A 290 -26.06 -16.72 -7.45
N GLY A 291 -25.11 -15.90 -7.90
CA GLY A 291 -25.33 -14.47 -8.00
C GLY A 291 -25.67 -14.10 -9.41
N ILE A 292 -25.53 -12.82 -9.75
CA ILE A 292 -25.77 -12.35 -11.11
C ILE A 292 -24.57 -11.55 -11.62
N ALA A 293 -24.50 -11.37 -12.94
CA ALA A 293 -23.40 -10.64 -13.55
C ALA A 293 -23.48 -9.15 -13.20
N PRO A 294 -22.32 -8.49 -13.11
CA PRO A 294 -22.35 -7.05 -12.86
C PRO A 294 -22.80 -6.31 -14.11
N TYR A 295 -23.37 -5.13 -13.93
CA TYR A 295 -23.66 -4.29 -15.09
C TYR A 295 -22.44 -3.43 -15.43
N SER A 296 -22.32 -3.03 -16.69
CA SER A 296 -21.19 -2.24 -17.13
C SER A 296 -21.62 -0.80 -17.34
N TYR A 297 -20.75 0.16 -16.99
CA TYR A 297 -21.09 1.57 -17.14
C TYR A 297 -21.28 1.87 -18.63
N ALA A 298 -22.34 2.63 -18.94
CA ALA A 298 -22.76 2.85 -20.32
C ALA A 298 -22.23 4.14 -20.95
N GLY A 299 -21.31 4.81 -20.27
CA GLY A 299 -20.71 6.03 -20.78
C GLY A 299 -19.23 5.87 -21.06
N SER B 3 28.80 -3.13 -21.01
CA SER B 3 27.84 -2.04 -21.05
C SER B 3 26.89 -2.07 -19.85
N ILE B 4 26.46 -0.89 -19.41
CA ILE B 4 25.52 -0.79 -18.31
C ILE B 4 24.10 -1.10 -18.77
N LYS B 5 23.46 -2.06 -18.11
CA LYS B 5 22.06 -2.37 -18.37
C LYS B 5 21.24 -2.03 -17.14
N VAL B 6 20.16 -1.28 -17.34
CA VAL B 6 19.22 -1.00 -16.25
C VAL B 6 17.95 -1.76 -16.54
N GLU B 7 17.54 -2.65 -15.65
CA GLU B 7 16.29 -3.36 -15.90
C GLU B 7 15.38 -3.43 -14.70
N CYS B 8 14.08 -3.43 -14.97
CA CYS B 8 13.09 -3.52 -13.92
C CYS B 8 12.83 -5.00 -13.64
N VAL B 9 13.16 -5.44 -12.42
CA VAL B 9 13.18 -6.87 -12.12
C VAL B 9 12.05 -7.35 -11.19
N LEU B 10 11.39 -6.44 -10.50
CA LEU B 10 10.27 -6.82 -9.67
C LEU B 10 9.19 -5.77 -9.78
N ARG B 11 8.07 -6.13 -10.40
CA ARG B 11 7.06 -5.16 -10.77
C ARG B 11 5.85 -5.14 -9.84
N GLU B 12 6.11 -4.90 -8.56
CA GLU B 12 5.10 -5.01 -7.53
C GLU B 12 4.50 -3.67 -7.11
N ASN B 13 4.99 -2.58 -7.70
CA ASN B 13 4.41 -1.25 -7.49
C ASN B 13 4.32 -0.83 -6.03
N TYR B 14 5.44 -0.87 -5.30
CA TYR B 14 5.43 -0.47 -3.90
C TYR B 14 5.19 1.02 -3.81
N ARG B 15 4.60 1.49 -2.71
CA ARG B 15 4.39 2.93 -2.58
C ARG B 15 5.70 3.67 -2.34
N CYS B 16 6.54 3.10 -1.47
CA CYS B 16 7.86 3.67 -1.23
C CYS B 16 8.80 2.56 -0.82
N GLY B 17 9.37 1.88 -1.82
CA GLY B 17 10.35 0.84 -1.54
C GLY B 17 11.60 1.46 -0.94
N GLU B 18 12.15 0.82 0.09
CA GLU B 18 13.30 1.35 0.79
C GLU B 18 14.13 0.23 1.40
N SER B 19 15.31 0.60 1.89
CA SER B 19 16.19 -0.30 2.64
C SER B 19 16.48 -1.66 2.01
N PRO B 20 16.96 -1.69 0.74
CA PRO B 20 17.28 -2.99 0.16
C PRO B 20 18.49 -3.60 0.83
N VAL B 21 18.43 -4.90 1.14
CA VAL B 21 19.57 -5.59 1.75
C VAL B 21 19.69 -6.95 1.10
N TRP B 22 20.91 -7.33 0.70
CA TRP B 22 21.12 -8.60 0.02
C TRP B 22 21.42 -9.72 1.01
N GLU B 23 20.65 -10.80 0.92
CA GLU B 23 20.86 -11.98 1.77
C GLU B 23 21.52 -13.09 0.96
N GLU B 24 22.84 -13.15 1.04
CA GLU B 24 23.67 -14.17 0.37
C GLU B 24 23.14 -15.58 0.53
N ALA B 25 22.81 -15.92 1.78
CA ALA B 25 22.45 -17.28 2.14
C ALA B 25 21.29 -17.82 1.32
N SER B 26 20.34 -16.93 1.01
CA SER B 26 19.13 -17.33 0.28
C SER B 26 19.06 -16.76 -1.11
N GLN B 27 20.09 -16.01 -1.51
CA GLN B 27 20.06 -15.22 -2.74
C GLN B 27 18.74 -14.46 -2.82
N SER B 28 18.42 -13.76 -1.73
CA SER B 28 17.16 -13.00 -1.66
C SER B 28 17.45 -11.53 -1.39
N LEU B 29 16.56 -10.66 -1.87
CA LEU B 29 16.61 -9.24 -1.53
C LEU B 29 15.56 -8.94 -0.47
N LEU B 30 15.99 -8.35 0.65
CA LEU B 30 15.02 -7.84 1.61
C LEU B 30 14.89 -6.34 1.44
N PHE B 31 13.72 -5.82 1.76
CA PHE B 31 13.45 -4.39 1.65
C PHE B 31 12.12 -4.12 2.33
N VAL B 32 11.72 -2.86 2.41
CA VAL B 32 10.46 -2.51 3.03
C VAL B 32 9.65 -1.65 2.06
N ASP B 33 8.33 -1.60 2.27
CA ASP B 33 7.49 -0.59 1.62
C ASP B 33 6.87 0.22 2.74
N ILE B 34 7.46 1.39 3.02
CA ILE B 34 7.25 2.07 4.31
C ILE B 34 5.78 2.32 4.71
N PRO B 35 4.99 3.04 3.89
CA PRO B 35 3.62 3.32 4.33
C PRO B 35 2.71 2.10 4.20
N SER B 36 3.18 1.08 3.51
CA SER B 36 2.39 -0.13 3.32
C SER B 36 2.55 -1.08 4.49
N LYS B 37 3.47 -0.75 5.39
CA LYS B 37 3.66 -1.49 6.65
C LYS B 37 4.02 -2.95 6.38
N ILE B 38 4.86 -3.18 5.38
CA ILE B 38 5.33 -4.52 5.10
C ILE B 38 6.84 -4.60 4.98
N ILE B 39 7.40 -5.70 5.50
CA ILE B 39 8.78 -6.07 5.18
C ILE B 39 8.69 -7.16 4.11
N CYS B 40 9.53 -7.06 3.09
CA CYS B 40 9.48 -7.99 1.97
C CYS B 40 10.76 -8.78 1.84
N ARG B 41 10.63 -10.02 1.40
CA ARG B 41 11.79 -10.85 1.10
C ARG B 41 11.55 -11.49 -0.27
N TRP B 42 12.33 -11.07 -1.26
CA TRP B 42 12.15 -11.55 -2.61
C TRP B 42 13.23 -12.58 -2.97
N ASP B 43 12.80 -13.82 -3.18
CA ASP B 43 13.71 -14.89 -3.60
C ASP B 43 14.00 -14.71 -5.07
N THR B 44 15.23 -14.35 -5.42
CA THR B 44 15.56 -14.05 -6.80
C THR B 44 15.67 -15.30 -7.68
N VAL B 45 15.66 -16.48 -7.07
CA VAL B 45 15.77 -17.73 -7.81
C VAL B 45 14.38 -18.30 -8.14
N SER B 46 13.50 -18.37 -7.14
CA SER B 46 12.13 -18.82 -7.37
C SER B 46 11.25 -17.67 -7.87
N ASN B 47 11.75 -16.45 -7.72
CA ASN B 47 11.02 -15.22 -8.06
C ASN B 47 9.75 -15.01 -7.23
N GLN B 48 9.71 -15.58 -6.03
CA GLN B 48 8.58 -15.40 -5.15
C GLN B 48 8.85 -14.33 -4.08
N VAL B 49 7.83 -13.54 -3.75
CA VAL B 49 7.98 -12.52 -2.71
C VAL B 49 7.17 -12.94 -1.48
N GLN B 50 7.80 -12.90 -0.30
CA GLN B 50 7.07 -13.10 0.93
C GLN B 50 7.01 -11.78 1.67
N ARG B 51 5.88 -11.53 2.32
CA ARG B 51 5.71 -10.29 3.07
C ARG B 51 5.38 -10.58 4.52
N VAL B 52 5.83 -9.71 5.40
CA VAL B 52 5.39 -9.70 6.78
C VAL B 52 4.74 -8.34 7.02
N ALA B 53 3.46 -8.36 7.38
CA ALA B 53 2.75 -7.12 7.70
C ALA B 53 2.96 -6.79 9.17
N VAL B 54 3.13 -5.50 9.46
CA VAL B 54 3.32 -5.05 10.83
C VAL B 54 2.38 -3.89 11.11
N ASP B 55 2.27 -3.48 12.37
CA ASP B 55 1.19 -2.58 12.76
C ASP B 55 1.51 -1.09 12.61
N ALA B 56 2.69 -0.78 12.09
CA ALA B 56 3.10 0.62 11.90
C ALA B 56 4.07 0.71 10.72
N PRO B 57 4.31 1.92 10.20
CA PRO B 57 5.29 2.01 9.11
C PRO B 57 6.64 1.41 9.50
N VAL B 58 7.25 0.66 8.59
CA VAL B 58 8.55 0.05 8.86
C VAL B 58 9.54 0.59 7.84
N SER B 59 10.68 1.09 8.34
CA SER B 59 11.54 1.96 7.53
C SER B 59 12.87 1.34 7.14
N SER B 60 13.30 0.31 7.83
CA SER B 60 14.54 -0.37 7.48
C SER B 60 14.50 -1.79 7.98
N VAL B 61 15.32 -2.63 7.36
CA VAL B 61 15.41 -4.03 7.74
C VAL B 61 16.88 -4.41 7.59
N ALA B 62 17.36 -5.31 8.46
CA ALA B 62 18.75 -5.75 8.38
C ALA B 62 18.87 -7.20 8.84
N LEU B 63 19.98 -7.84 8.50
CA LEU B 63 20.21 -9.22 8.89
C LEU B 63 20.55 -9.31 10.37
N ARG B 64 20.15 -10.40 11.02
CA ARG B 64 20.47 -10.65 12.42
C ARG B 64 21.30 -11.92 12.53
N GLN B 65 22.48 -11.81 13.10
CA GLN B 65 23.44 -12.92 13.14
C GLN B 65 22.86 -14.19 13.76
N LEU B 66 22.15 -14.06 14.88
CA LEU B 66 21.62 -15.24 15.57
C LEU B 66 20.47 -15.90 14.82
N GLY B 67 19.91 -15.20 13.84
CA GLY B 67 18.80 -15.72 13.06
C GLY B 67 17.69 -14.71 12.89
N GLY B 68 16.97 -14.81 11.77
CA GLY B 68 15.92 -13.85 11.49
C GLY B 68 16.50 -12.50 11.15
N TYR B 69 15.77 -11.44 11.49
CA TYR B 69 16.11 -10.09 11.04
C TYR B 69 15.88 -9.10 12.16
N VAL B 70 16.37 -7.88 11.94
CA VAL B 70 15.97 -6.74 12.75
C VAL B 70 15.33 -5.69 11.83
N ALA B 71 14.54 -4.80 12.41
CA ALA B 71 13.83 -3.80 11.63
C ALA B 71 13.54 -2.61 12.49
N THR B 72 13.25 -1.48 11.86
CA THR B 72 12.84 -0.29 12.61
C THR B 72 11.38 -0.01 12.28
N ILE B 73 10.51 -0.15 13.28
CA ILE B 73 9.08 -0.05 13.08
C ILE B 73 8.58 1.03 14.00
N GLY B 74 7.95 2.06 13.45
CA GLY B 74 7.61 3.23 14.23
C GLY B 74 8.91 3.80 14.76
N THR B 75 8.96 4.02 16.08
CA THR B 75 10.20 4.45 16.74
C THR B 75 10.80 3.33 17.61
N LYS B 76 10.62 2.09 17.18
CA LYS B 76 11.15 0.93 17.91
C LYS B 76 12.17 0.14 17.11
N PHE B 77 13.29 -0.21 17.76
CA PHE B 77 14.22 -1.20 17.23
C PHE B 77 13.60 -2.55 17.54
N CYS B 78 13.38 -3.38 16.53
CA CYS B 78 12.73 -4.68 16.72
C CYS B 78 13.50 -5.82 16.12
N ALA B 79 13.29 -7.01 16.66
CA ALA B 79 13.76 -8.24 16.02
C ALA B 79 12.55 -8.85 15.34
N LEU B 80 12.77 -9.57 14.25
CA LEU B 80 11.69 -10.16 13.50
C LEU B 80 11.90 -11.66 13.36
N ASN B 81 10.94 -12.44 13.84
CA ASN B 81 10.88 -13.88 13.56
C ASN B 81 10.06 -14.06 12.29
N TRP B 82 10.74 -14.37 11.19
CA TRP B 82 10.10 -14.36 9.88
C TRP B 82 8.98 -15.40 9.78
N GLU B 83 9.25 -16.60 10.26
CA GLU B 83 8.32 -17.72 10.14
C GLU B 83 7.04 -17.53 10.93
N ASN B 84 7.13 -16.87 12.08
CA ASN B 84 5.96 -16.57 12.87
C ASN B 84 5.39 -15.18 12.59
N GLN B 85 6.05 -14.45 11.68
CA GLN B 85 5.83 -13.01 11.48
C GLN B 85 5.61 -12.20 12.75
N SER B 86 6.42 -12.50 13.75
CA SER B 86 6.27 -11.87 15.05
C SER B 86 7.39 -10.86 15.24
N VAL B 87 7.05 -9.71 15.79
CA VAL B 87 8.09 -8.75 16.09
C VAL B 87 8.29 -8.66 17.61
N PHE B 88 9.57 -8.60 17.99
CA PHE B 88 9.95 -8.47 19.39
C PHE B 88 10.61 -7.13 19.55
N VAL B 89 10.00 -6.24 20.33
CA VAL B 89 10.58 -4.93 20.58
C VAL B 89 11.87 -5.08 21.37
N LEU B 90 12.96 -4.49 20.87
CA LEU B 90 14.26 -4.53 21.56
C LEU B 90 14.54 -3.23 22.34
N ALA B 91 14.10 -2.12 21.78
CA ALA B 91 14.33 -0.81 22.39
C ALA B 91 13.44 0.22 21.73
N MET B 92 13.18 1.33 22.43
CA MET B 92 12.35 2.41 21.91
C MET B 92 13.11 3.73 21.99
N VAL B 93 12.90 4.61 21.01
CA VAL B 93 13.50 5.94 21.03
C VAL B 93 12.44 7.01 20.81
N ASP B 94 12.83 8.28 20.98
CA ASP B 94 11.95 9.41 20.74
C ASP B 94 10.61 9.29 21.44
N GLU B 95 10.62 8.81 22.68
CA GLU B 95 9.37 8.62 23.40
C GLU B 95 8.71 9.96 23.70
N ASP B 96 9.50 11.03 23.69
CA ASP B 96 8.98 12.37 23.89
C ASP B 96 8.28 12.95 22.65
N LYS B 97 8.57 12.39 21.48
CA LYS B 97 8.05 12.93 20.22
C LYS B 97 6.65 12.41 19.87
N LYS B 98 5.78 13.31 19.43
CA LYS B 98 4.39 12.97 19.15
C LYS B 98 4.18 12.19 17.84
N ASN B 99 5.02 12.47 16.84
CA ASN B 99 4.73 12.02 15.47
C ASN B 99 6.03 11.72 14.71
N ASN B 100 6.91 10.95 15.34
CA ASN B 100 8.17 10.56 14.70
C ASN B 100 8.14 9.11 14.23
N ARG B 101 9.06 8.76 13.33
CA ARG B 101 9.32 7.37 12.98
C ARG B 101 10.79 7.23 12.65
N PHE B 102 11.32 6.02 12.71
CA PHE B 102 12.66 5.80 12.18
C PHE B 102 12.60 5.98 10.67
N ASN B 103 13.76 6.24 10.07
CA ASN B 103 13.92 6.12 8.63
C ASN B 103 15.03 5.12 8.28
N ASP B 104 16.07 5.54 7.58
CA ASP B 104 17.06 4.56 7.11
C ASP B 104 17.91 4.03 8.25
N GLY B 105 18.36 2.79 8.10
CA GLY B 105 19.19 2.15 9.10
C GLY B 105 20.09 1.13 8.43
N LYS B 106 21.21 0.81 9.05
CA LYS B 106 22.15 -0.15 8.48
C LYS B 106 23.04 -0.63 9.62
N VAL B 107 23.55 -1.85 9.52
CA VAL B 107 24.39 -2.41 10.57
C VAL B 107 25.88 -2.06 10.33
N ASP B 108 26.58 -1.63 11.38
CA ASP B 108 27.98 -1.22 11.26
C ASP B 108 28.91 -2.43 11.28
N PRO B 109 30.22 -2.25 10.98
CA PRO B 109 31.11 -3.43 10.92
C PRO B 109 31.31 -4.17 12.24
N ALA B 110 30.77 -3.67 13.35
CA ALA B 110 30.83 -4.39 14.63
C ALA B 110 29.48 -4.97 15.03
N GLY B 111 28.52 -4.95 14.12
CA GLY B 111 27.21 -5.51 14.39
C GLY B 111 26.26 -4.61 15.17
N ARG B 112 26.52 -3.31 15.17
CA ARG B 112 25.60 -2.34 15.80
C ARG B 112 24.62 -1.82 14.75
N TYR B 113 23.34 -1.72 15.12
CA TYR B 113 22.28 -1.28 14.19
C TYR B 113 22.09 0.23 14.31
N PHE B 114 22.73 0.99 13.41
CA PHE B 114 22.53 2.43 13.32
C PHE B 114 21.23 2.75 12.61
N ALA B 115 20.48 3.72 13.12
CA ALA B 115 19.24 4.15 12.46
C ALA B 115 18.83 5.49 13.03
N GLY B 116 18.31 6.37 12.18
CA GLY B 116 17.96 7.69 12.63
C GLY B 116 16.48 7.94 12.46
N THR B 117 15.97 8.99 13.07
CA THR B 117 14.54 9.27 13.01
C THR B 117 14.21 10.56 12.28
N MET B 118 12.92 10.86 12.22
CA MET B 118 12.40 12.03 11.50
C MET B 118 10.97 12.24 11.99
N ALA B 119 10.45 13.45 11.82
CA ALA B 119 9.02 13.69 11.99
C ALA B 119 8.31 13.02 10.82
N GLU B 120 7.11 12.51 11.03
CA GLU B 120 6.38 11.91 9.91
C GLU B 120 5.96 13.00 8.91
N GLU B 121 6.06 12.69 7.63
CA GLU B 121 5.76 13.64 6.57
C GLU B 121 4.25 13.76 6.28
N THR B 122 3.84 14.92 5.79
CA THR B 122 2.50 15.09 5.25
C THR B 122 2.57 15.04 3.72
N ALA B 123 3.78 15.26 3.20
CA ALA B 123 4.07 15.14 1.78
C ALA B 123 5.59 14.97 1.68
N PRO B 124 6.10 14.49 0.52
CA PRO B 124 7.56 14.31 0.38
C PRO B 124 8.35 15.56 0.76
N ALA B 125 9.27 15.40 1.71
CA ALA B 125 10.10 16.50 2.22
C ALA B 125 9.29 17.65 2.83
N VAL B 126 8.06 17.35 3.23
CA VAL B 126 7.23 18.29 3.99
C VAL B 126 6.90 17.68 5.35
N LEU B 127 7.48 18.24 6.40
CA LEU B 127 7.39 17.66 7.74
C LEU B 127 7.83 18.68 8.78
N GLU B 128 7.52 18.43 10.04
CA GLU B 128 8.04 19.30 11.09
C GLU B 128 9.55 19.18 11.10
N ARG B 129 10.23 20.32 11.10
CA ARG B 129 11.68 20.32 10.89
C ARG B 129 12.48 19.93 12.13
N HIS B 130 13.61 19.26 11.88
CA HIS B 130 14.64 19.02 12.89
C HIS B 130 14.20 18.17 14.08
N GLN B 131 13.26 17.26 13.85
CA GLN B 131 12.72 16.43 14.94
C GLN B 131 13.44 15.11 15.14
N GLY B 132 14.34 14.78 14.23
CA GLY B 132 15.00 13.47 14.26
C GLY B 132 16.33 13.46 14.99
N SER B 133 16.82 12.27 15.27
CA SER B 133 18.16 12.09 15.85
C SER B 133 18.75 10.82 15.26
N LEU B 134 20.07 10.69 15.32
CA LEU B 134 20.73 9.45 14.93
C LEU B 134 21.04 8.59 16.16
N TYR B 135 20.70 7.30 16.08
CA TYR B 135 20.88 6.35 17.19
C TYR B 135 21.63 5.13 16.72
N SER B 136 22.14 4.34 17.65
CA SER B 136 22.59 3.00 17.31
C SER B 136 22.21 2.03 18.42
N LEU B 137 21.77 0.85 18.02
CA LEU B 137 21.41 -0.22 18.93
C LEU B 137 22.64 -1.11 19.09
N PHE B 138 23.19 -1.16 20.30
CA PHE B 138 24.38 -1.98 20.52
C PHE B 138 23.96 -3.44 20.69
N PRO B 139 24.92 -4.38 20.58
CA PRO B 139 24.58 -5.80 20.73
C PRO B 139 23.91 -6.14 22.07
N ASP B 140 24.14 -5.35 23.12
CA ASP B 140 23.48 -5.60 24.40
C ASP B 140 22.08 -4.99 24.50
N HIS B 141 21.58 -4.47 23.39
CA HIS B 141 20.29 -3.80 23.30
C HIS B 141 20.24 -2.42 23.95
N SER B 142 21.38 -1.90 24.39
CA SER B 142 21.43 -0.52 24.83
C SER B 142 21.37 0.35 23.59
N VAL B 143 20.94 1.59 23.74
CA VAL B 143 20.86 2.51 22.61
C VAL B 143 21.72 3.75 22.86
N LYS B 144 22.58 4.08 21.90
CA LYS B 144 23.36 5.30 21.96
C LYS B 144 22.72 6.37 21.08
N LYS B 145 22.61 7.58 21.62
CA LYS B 145 22.14 8.71 20.82
C LYS B 145 23.33 9.58 20.43
N TYR B 146 23.45 9.87 19.14
CA TYR B 146 24.61 10.60 18.63
C TYR B 146 24.42 12.10 18.54
N PHE B 147 23.37 12.52 17.86
CA PHE B 147 23.04 13.95 17.73
C PHE B 147 21.58 14.10 17.35
N ASP B 148 21.03 15.28 17.61
CA ASP B 148 19.65 15.56 17.27
C ASP B 148 19.58 16.63 16.18
N GLN B 149 18.42 17.28 16.05
CA GLN B 149 18.21 18.32 15.04
C GLN B 149 18.24 17.79 13.60
N VAL B 150 18.08 16.48 13.44
CA VAL B 150 18.05 15.89 12.11
C VAL B 150 16.68 16.12 11.46
N ASP B 151 16.67 16.44 10.16
CA ASP B 151 15.42 16.57 9.42
C ASP B 151 14.91 15.20 8.99
N ILE B 152 15.67 14.56 8.10
CA ILE B 152 15.30 13.24 7.60
C ILE B 152 16.54 12.36 7.61
N SER B 153 16.69 11.53 8.63
CA SER B 153 17.87 10.66 8.69
C SER B 153 17.81 9.67 7.53
N ASN B 154 18.88 9.64 6.75
CA ASN B 154 18.85 8.76 5.58
C ASN B 154 20.11 7.92 5.39
N GLY B 155 20.57 7.83 4.15
CA GLY B 155 21.60 6.87 3.76
C GLY B 155 22.84 6.94 4.62
N LEU B 156 23.49 5.80 4.81
CA LEU B 156 24.65 5.72 5.70
C LEU B 156 25.50 4.51 5.35
N ASP B 157 26.81 4.62 5.51
CA ASP B 157 27.68 3.47 5.33
C ASP B 157 29.02 3.74 6.01
N TRP B 158 29.96 2.81 5.87
CA TRP B 158 31.25 2.92 6.56
C TRP B 158 32.39 2.64 5.58
N SER B 159 33.50 3.36 5.71
CA SER B 159 34.65 3.14 4.85
C SER B 159 35.16 1.72 5.03
N LEU B 160 35.91 1.21 4.04
CA LEU B 160 36.38 -0.17 4.08
C LEU B 160 37.41 -0.43 5.19
N ASP B 161 38.13 0.61 5.59
CA ASP B 161 39.08 0.48 6.71
C ASP B 161 38.39 0.71 8.05
N HIS B 162 37.08 0.95 7.99
CA HIS B 162 36.26 1.12 9.18
C HIS B 162 36.68 2.30 10.04
N LYS B 163 37.24 3.33 9.43
CA LYS B 163 37.65 4.53 10.16
C LYS B 163 36.79 5.74 9.85
N ILE B 164 35.88 5.61 8.88
CA ILE B 164 35.02 6.72 8.50
C ILE B 164 33.56 6.26 8.41
N PHE B 165 32.65 7.10 8.91
CA PHE B 165 31.22 6.88 8.82
C PHE B 165 30.65 7.93 7.86
N TYR B 166 29.90 7.49 6.85
CA TYR B 166 29.28 8.41 5.90
C TYR B 166 27.80 8.52 6.21
N TYR B 167 27.25 9.72 6.06
CA TYR B 167 25.91 9.98 6.55
C TYR B 167 25.17 11.07 5.77
N ILE B 168 23.91 10.76 5.42
CA ILE B 168 23.02 11.70 4.77
C ILE B 168 21.81 12.07 5.64
N ASP B 169 21.66 13.37 5.92
CA ASP B 169 20.38 13.93 6.34
C ASP B 169 19.82 14.55 5.07
N SER B 170 18.68 14.03 4.59
CA SER B 170 18.22 14.36 3.24
C SER B 170 18.07 15.86 3.00
N LEU B 171 17.56 16.58 3.99
CA LEU B 171 17.30 18.02 3.79
C LEU B 171 18.52 18.89 4.06
N SER B 172 19.68 18.27 4.29
CA SER B 172 20.94 19.01 4.25
C SER B 172 21.50 19.05 2.82
N TYR B 173 21.03 18.11 1.99
CA TYR B 173 21.44 17.99 0.59
C TYR B 173 22.94 17.75 0.45
N THR B 174 23.52 17.06 1.43
CA THR B 174 24.93 16.73 1.40
C THR B 174 25.15 15.28 1.79
N VAL B 175 26.30 14.75 1.37
CA VAL B 175 26.85 13.56 1.99
C VAL B 175 27.90 14.05 2.98
N ASP B 176 27.77 13.64 4.24
CA ASP B 176 28.73 14.03 5.27
C ASP B 176 29.59 12.86 5.68
N ALA B 177 30.74 13.15 6.28
CA ALA B 177 31.60 12.11 6.83
C ALA B 177 31.97 12.45 8.27
N PHE B 178 32.21 11.41 9.06
CA PHE B 178 32.68 11.53 10.44
C PHE B 178 33.85 10.59 10.59
N ASP B 179 34.81 10.94 11.45
CA ASP B 179 35.75 9.92 11.88
C ASP B 179 34.98 8.96 12.76
N TYR B 180 35.29 7.67 12.63
CA TYR B 180 34.53 6.63 13.30
C TYR B 180 35.47 5.66 14.00
N ASP B 181 35.16 5.37 15.26
CA ASP B 181 35.95 4.44 16.06
C ASP B 181 35.23 3.08 16.14
N LEU B 182 35.78 2.08 15.45
CA LEU B 182 35.14 0.76 15.37
C LEU B 182 34.90 0.14 16.73
N GLN B 183 35.82 0.36 17.65
CA GLN B 183 35.74 -0.31 18.95
C GLN B 183 34.66 0.25 19.88
N THR B 184 34.37 1.54 19.75
CA THR B 184 33.42 2.21 20.62
C THR B 184 32.13 2.63 19.91
N GLY B 185 32.19 2.73 18.58
CA GLY B 185 31.06 3.21 17.81
C GLY B 185 30.90 4.71 17.86
N GLN B 186 31.93 5.40 18.36
CA GLN B 186 31.90 6.86 18.47
C GLN B 186 32.19 7.53 17.13
N ILE B 187 31.54 8.66 16.88
CA ILE B 187 31.78 9.43 15.65
C ILE B 187 32.12 10.87 16.02
N SER B 188 32.94 11.53 15.19
CA SER B 188 33.42 12.86 15.49
C SER B 188 33.83 13.60 14.22
N ASN B 189 34.05 14.91 14.34
CA ASN B 189 34.61 15.72 13.26
C ASN B 189 33.79 15.72 11.98
N ARG B 190 32.52 16.04 12.10
CA ARG B 190 31.61 16.02 10.96
C ARG B 190 32.06 17.01 9.88
N ARG B 191 32.11 16.53 8.63
CA ARG B 191 32.46 17.39 7.51
C ARG B 191 31.59 17.06 6.31
N ILE B 192 31.37 18.04 5.43
CA ILE B 192 30.67 17.77 4.18
C ILE B 192 31.63 17.18 3.16
N VAL B 193 31.21 16.09 2.51
CA VAL B 193 32.07 15.43 1.54
C VAL B 193 31.63 15.75 0.11
N TYR B 194 30.35 16.00 -0.06
CA TYR B 194 29.78 16.25 -1.38
C TYR B 194 28.49 17.02 -1.24
N LYS B 195 28.36 18.11 -1.99
CA LYS B 195 27.13 18.88 -2.02
C LYS B 195 26.38 18.49 -3.29
N MET B 196 25.15 18.00 -3.13
CA MET B 196 24.37 17.58 -4.30
C MET B 196 24.15 18.74 -5.26
N GLU B 197 24.25 18.46 -6.56
CA GLU B 197 23.93 19.45 -7.58
C GLU B 197 22.43 19.63 -7.67
N LYS B 198 22.01 20.76 -8.26
CA LYS B 198 20.59 21.07 -8.43
C LYS B 198 19.79 19.87 -8.97
N ASP B 199 20.25 19.28 -10.06
CA ASP B 199 19.50 18.23 -10.72
C ASP B 199 19.64 16.87 -10.05
N GLU B 200 20.55 16.79 -9.08
CA GLU B 200 20.75 15.58 -8.30
C GLU B 200 19.76 15.53 -7.15
N GLN B 201 19.09 16.65 -6.92
CA GLN B 201 17.94 16.71 -6.01
C GLN B 201 18.25 16.23 -4.60
N ILE B 202 17.44 15.34 -4.03
CA ILE B 202 17.57 15.00 -2.61
C ILE B 202 18.31 13.69 -2.40
N PRO B 203 19.47 13.73 -1.71
CA PRO B 203 20.20 12.48 -1.42
C PRO B 203 19.37 11.60 -0.49
N ASP B 204 19.27 10.32 -0.79
CA ASP B 204 18.37 9.43 -0.05
C ASP B 204 19.23 8.29 0.49
N GLY B 205 19.09 7.09 -0.05
CA GLY B 205 19.92 5.96 0.38
C GLY B 205 21.32 5.98 -0.21
N MET B 206 22.22 5.21 0.39
CA MET B 206 23.62 5.21 -0.06
C MET B 206 24.24 3.85 0.21
N CYS B 207 25.19 3.45 -0.64
CA CYS B 207 26.01 2.29 -0.31
C CYS B 207 27.43 2.47 -0.83
N ILE B 208 28.36 1.74 -0.23
CA ILE B 208 29.75 1.86 -0.62
C ILE B 208 30.10 0.69 -1.54
N ASP B 209 31.06 0.87 -2.45
CA ASP B 209 31.50 -0.25 -3.28
C ASP B 209 32.88 -0.77 -2.83
N ALA B 210 33.35 -1.83 -3.47
CA ALA B 210 34.61 -2.47 -3.08
C ALA B 210 35.84 -1.58 -3.30
N GLU B 211 35.67 -0.47 -4.02
CA GLU B 211 36.76 0.45 -4.26
C GLU B 211 36.66 1.67 -3.36
N GLY B 212 35.77 1.60 -2.38
CA GLY B 212 35.61 2.67 -1.41
C GLY B 212 34.81 3.86 -1.90
N LYS B 213 34.21 3.75 -3.08
CA LYS B 213 33.43 4.87 -3.64
C LYS B 213 31.98 4.75 -3.18
N LEU B 214 31.27 5.87 -3.11
CA LEU B 214 29.90 5.87 -2.60
C LEU B 214 28.89 5.96 -3.74
N TRP B 215 27.82 5.15 -3.67
CA TRP B 215 26.71 5.28 -4.61
C TRP B 215 25.52 5.87 -3.85
N VAL B 216 24.95 6.95 -4.38
CA VAL B 216 23.88 7.66 -3.69
C VAL B 216 22.63 7.69 -4.57
N ALA B 217 21.49 7.28 -4.00
CA ALA B 217 20.22 7.37 -4.72
C ALA B 217 19.71 8.79 -4.63
N CYS B 218 19.34 9.37 -5.76
CA CYS B 218 18.91 10.75 -5.82
C CYS B 218 17.39 10.85 -5.95
N TYR B 219 16.73 11.10 -4.83
CA TYR B 219 15.28 11.17 -4.80
C TYR B 219 14.79 12.43 -5.56
N ASN B 220 13.92 12.22 -6.55
CA ASN B 220 13.47 13.23 -7.51
C ASN B 220 14.50 13.52 -8.60
N GLY B 221 15.66 12.87 -8.50
CA GLY B 221 16.71 13.06 -9.51
C GLY B 221 16.76 11.94 -10.54
N GLY B 222 15.97 10.89 -10.33
CA GLY B 222 15.90 9.78 -11.28
C GLY B 222 17.24 9.18 -11.65
N ARG B 223 18.11 8.98 -10.64
CA ARG B 223 19.46 8.49 -10.92
C ARG B 223 20.13 7.99 -9.65
N VAL B 224 21.17 7.19 -9.82
CA VAL B 224 22.16 6.99 -8.76
C VAL B 224 23.45 7.66 -9.24
N ILE B 225 24.24 8.19 -8.32
CA ILE B 225 25.54 8.76 -8.68
C ILE B 225 26.62 8.07 -7.87
N ARG B 226 27.81 8.01 -8.45
CA ARG B 226 28.97 7.41 -7.79
C ARG B 226 29.91 8.56 -7.43
N LEU B 227 30.34 8.60 -6.17
CA LEU B 227 31.08 9.73 -5.61
C LEU B 227 32.41 9.24 -5.07
N ASP B 228 33.46 10.04 -5.25
CA ASP B 228 34.71 9.78 -4.55
C ASP B 228 34.78 10.67 -3.32
N PRO B 229 34.61 10.09 -2.13
CA PRO B 229 34.54 10.90 -0.91
C PRO B 229 35.86 11.60 -0.56
N GLU B 230 36.96 11.12 -1.11
CA GLU B 230 38.25 11.74 -0.83
C GLU B 230 38.48 13.01 -1.65
N THR B 231 37.98 13.01 -2.89
CA THR B 231 38.16 14.15 -3.78
C THR B 231 36.92 15.04 -3.80
N GLY B 232 35.79 14.50 -3.37
CA GLY B 232 34.54 15.25 -3.40
C GLY B 232 33.98 15.43 -4.80
N LYS B 233 34.37 14.55 -5.70
CA LYS B 233 33.96 14.63 -7.10
C LYS B 233 33.06 13.49 -7.50
N ARG B 234 32.07 13.77 -8.34
CA ARG B 234 31.24 12.69 -8.87
C ARG B 234 32.02 11.94 -9.95
N LEU B 235 32.00 10.62 -9.88
CA LEU B 235 32.69 9.79 -10.89
C LEU B 235 31.76 9.37 -12.02
N GLN B 236 30.47 9.23 -11.72
CA GLN B 236 29.57 8.58 -12.67
C GLN B 236 28.11 8.84 -12.28
N THR B 237 27.24 8.89 -13.29
CA THR B 237 25.78 8.98 -13.09
C THR B 237 25.13 7.87 -13.91
N VAL B 238 24.18 7.16 -13.35
N VAL B 238 24.16 7.17 -13.33
CA VAL B 238 23.33 6.35 -14.22
CA VAL B 238 23.31 6.25 -14.08
C VAL B 238 21.87 6.65 -13.92
C VAL B 238 21.85 6.68 -13.89
N LYS B 239 21.19 7.10 -14.97
CA LYS B 239 19.81 7.55 -14.85
C LYS B 239 18.85 6.41 -15.06
N LEU B 240 17.68 6.52 -14.44
CA LEU B 240 16.67 5.47 -14.46
C LEU B 240 15.36 6.08 -14.94
N PRO B 241 14.42 5.24 -15.40
CA PRO B 241 13.15 5.75 -15.94
C PRO B 241 12.11 6.04 -14.85
N VAL B 242 12.57 6.16 -13.61
CA VAL B 242 11.72 6.56 -12.49
C VAL B 242 12.44 7.70 -11.77
N ASP B 243 11.70 8.71 -11.31
CA ASP B 243 12.34 9.88 -10.70
C ASP B 243 12.63 9.70 -9.23
N LYS B 244 11.76 8.97 -8.53
CA LYS B 244 11.90 8.86 -7.08
C LYS B 244 12.73 7.65 -6.68
N THR B 245 13.98 7.63 -7.15
CA THR B 245 14.94 6.62 -6.78
C THR B 245 15.29 6.81 -5.29
N THR B 246 15.17 5.76 -4.48
CA THR B 246 15.24 5.94 -3.02
C THR B 246 16.50 5.34 -2.37
N SER B 247 16.96 4.20 -2.84
CA SER B 247 18.11 3.58 -2.19
C SER B 247 18.75 2.56 -3.09
N CYS B 248 19.92 2.07 -2.69
CA CYS B 248 20.63 1.07 -3.49
C CYS B 248 21.45 0.17 -2.59
N CYS B 249 21.73 -1.02 -3.09
CA CYS B 249 22.69 -1.92 -2.46
C CYS B 249 23.24 -2.83 -3.54
N PHE B 250 24.36 -3.50 -3.26
CA PHE B 250 24.89 -4.48 -4.18
C PHE B 250 24.45 -5.88 -3.77
N GLY B 251 24.29 -6.76 -4.76
CA GLY B 251 23.89 -8.13 -4.51
C GLY B 251 24.20 -9.02 -5.69
N GLY B 252 23.52 -10.16 -5.75
CA GLY B 252 23.78 -11.15 -6.77
C GLY B 252 25.12 -11.81 -6.56
N LYS B 253 25.55 -12.60 -7.56
CA LYS B 253 26.84 -13.28 -7.53
C LYS B 253 28.02 -12.32 -7.35
N ASP B 254 28.79 -12.55 -6.30
CA ASP B 254 29.95 -11.74 -6.00
C ASP B 254 29.64 -10.24 -5.87
N TYR B 255 28.40 -9.91 -5.52
CA TYR B 255 28.00 -8.52 -5.31
C TYR B 255 28.28 -7.64 -6.52
N SER B 256 28.07 -8.19 -7.71
CA SER B 256 28.35 -7.49 -8.96
C SER B 256 27.14 -6.75 -9.54
N GLU B 257 25.97 -6.91 -8.92
CA GLU B 257 24.76 -6.28 -9.41
C GLU B 257 24.26 -5.26 -8.39
N MET B 258 23.78 -4.11 -8.87
CA MET B 258 23.19 -3.13 -7.95
C MET B 258 21.65 -3.20 -7.99
N TYR B 259 21.02 -3.32 -6.83
CA TYR B 259 19.55 -3.23 -6.74
C TYR B 259 19.15 -1.84 -6.31
N VAL B 260 18.12 -1.30 -6.95
CA VAL B 260 17.69 0.06 -6.68
C VAL B 260 16.20 0.08 -6.39
N THR B 261 15.84 0.64 -5.25
CA THR B 261 14.43 0.82 -4.88
C THR B 261 13.92 2.19 -5.32
N CYS B 262 12.61 2.35 -5.47
CA CYS B 262 12.06 3.67 -5.79
C CYS B 262 10.63 3.79 -5.27
N ALA B 263 10.03 4.98 -5.42
CA ALA B 263 8.72 5.27 -4.85
C ALA B 263 7.73 5.76 -5.90
N ARG B 264 6.44 5.58 -5.64
CA ARG B 264 5.42 6.24 -6.45
C ARG B 264 4.64 7.29 -5.65
N ASP B 265 4.76 7.24 -4.32
CA ASP B 265 4.10 8.25 -3.48
C ASP B 265 4.53 9.66 -3.90
N GLY B 266 3.57 10.55 -4.05
CA GLY B 266 3.87 11.93 -4.40
C GLY B 266 3.70 12.24 -5.88
N LEU B 267 3.64 11.20 -6.71
N LEU B 267 3.65 11.19 -6.71
CA LEU B 267 3.40 11.34 -8.14
CA LEU B 267 3.42 11.38 -8.15
C LEU B 267 1.92 11.60 -8.43
C LEU B 267 1.93 11.61 -8.43
N ASN B 268 1.63 12.62 -9.23
CA ASN B 268 0.26 12.80 -9.71
C ASN B 268 0.00 11.86 -10.89
N ALA B 269 -1.22 11.89 -11.43
CA ALA B 269 -1.58 10.95 -12.50
C ALA B 269 -0.61 11.05 -13.68
N GLU B 270 -0.19 12.27 -13.98
CA GLU B 270 0.71 12.51 -15.09
C GLU B 270 2.09 11.88 -14.82
N GLY B 271 2.57 12.04 -13.59
CA GLY B 271 3.84 11.40 -13.21
C GLY B 271 3.75 9.88 -13.25
N LEU B 272 2.62 9.33 -12.80
CA LEU B 272 2.43 7.89 -12.81
C LEU B 272 2.39 7.35 -14.25
N LEU B 273 1.84 8.16 -15.14
N LEU B 273 1.82 8.13 -15.16
CA LEU B 273 1.73 7.80 -16.56
CA LEU B 273 1.75 7.73 -16.57
C LEU B 273 3.11 7.76 -17.19
C LEU B 273 3.14 7.74 -17.20
N ARG B 274 3.90 8.78 -16.93
CA ARG B 274 5.25 8.88 -17.46
C ARG B 274 6.20 7.87 -16.85
N GLN B 275 5.88 7.38 -15.66
CA GLN B 275 6.75 6.46 -14.94
C GLN B 275 6.01 5.19 -14.56
N PRO B 276 5.70 4.35 -15.55
CA PRO B 276 4.93 3.13 -15.30
C PRO B 276 5.62 2.15 -14.34
N ASP B 277 6.93 2.29 -14.14
CA ASP B 277 7.65 1.40 -13.23
C ASP B 277 7.87 2.01 -11.84
N ALA B 278 7.21 3.13 -11.56
CA ALA B 278 7.37 3.79 -10.26
C ALA B 278 6.98 2.83 -9.14
N GLY B 279 7.85 2.66 -8.15
CA GLY B 279 7.61 1.74 -7.06
C GLY B 279 8.20 0.35 -7.26
N ASN B 280 8.74 0.07 -8.45
CA ASN B 280 9.30 -1.26 -8.71
C ASN B 280 10.75 -1.36 -8.31
N ILE B 281 11.29 -2.58 -8.28
CA ILE B 281 12.71 -2.77 -7.99
C ILE B 281 13.49 -2.88 -9.29
N PHE B 282 14.60 -2.14 -9.39
CA PHE B 282 15.46 -2.19 -10.57
C PHE B 282 16.77 -2.88 -10.26
N LYS B 283 17.42 -3.39 -11.30
CA LYS B 283 18.73 -3.97 -11.14
C LYS B 283 19.65 -3.36 -12.18
N ILE B 284 20.85 -2.98 -11.75
CA ILE B 284 21.83 -2.40 -12.67
C ILE B 284 23.02 -3.36 -12.76
N THR B 285 23.30 -3.83 -13.96
CA THR B 285 24.44 -4.74 -14.18
C THR B 285 25.46 -4.02 -15.06
N GLY B 286 26.70 -4.49 -15.03
CA GLY B 286 27.72 -3.95 -15.90
C GLY B 286 28.40 -2.67 -15.42
N LEU B 287 28.28 -2.37 -14.13
CA LEU B 287 28.90 -1.15 -13.58
C LEU B 287 30.42 -1.29 -13.54
N GLY B 288 30.91 -2.52 -13.62
CA GLY B 288 32.34 -2.76 -13.63
C GLY B 288 33.00 -2.60 -12.27
N VAL B 289 32.18 -2.62 -11.23
CA VAL B 289 32.70 -2.61 -9.85
C VAL B 289 31.75 -3.44 -8.99
N LYS B 290 32.29 -4.09 -7.96
CA LYS B 290 31.46 -4.87 -7.05
C LYS B 290 31.22 -4.12 -5.73
N GLY B 291 30.20 -4.54 -5.00
CA GLY B 291 29.97 -4.01 -3.67
C GLY B 291 30.48 -4.98 -2.62
N ILE B 292 30.02 -4.83 -1.39
CA ILE B 292 30.43 -5.72 -0.32
C ILE B 292 29.22 -6.28 0.42
N ALA B 293 29.40 -7.39 1.14
CA ALA B 293 28.33 -7.99 1.92
C ALA B 293 27.88 -7.07 3.04
N PRO B 294 26.58 -7.12 3.39
CA PRO B 294 26.11 -6.33 4.53
C PRO B 294 26.58 -6.95 5.83
N TYR B 295 26.70 -6.15 6.89
CA TYR B 295 26.97 -6.68 8.23
C TYR B 295 25.68 -7.08 8.94
N SER B 296 25.79 -8.04 9.85
CA SER B 296 24.62 -8.56 10.58
C SER B 296 24.61 -8.03 12.01
N TYR B 297 23.43 -7.70 12.51
CA TYR B 297 23.28 -7.26 13.89
C TYR B 297 23.75 -8.35 14.85
N ALA B 298 24.57 -7.97 15.83
CA ALA B 298 25.19 -8.97 16.72
C ALA B 298 24.46 -9.18 18.04
N GLY B 299 23.27 -8.61 18.18
CA GLY B 299 22.47 -8.81 19.38
C GLY B 299 21.22 -9.61 19.09
CA CA C . -17.02 -0.73 1.81
C1 XYL D . -15.86 0.82 6.97
C2 XYL D . -14.36 1.20 6.80
C3 XYL D . -14.04 2.03 5.54
C4 XYL D . -14.26 1.40 4.15
C5 XYL D . -15.71 1.02 3.87
O1 XYL D . -16.07 0.07 8.16
O2 XYL D . -13.92 1.92 7.95
O3 XYL D . -12.76 2.66 5.60
O4 XYL D . -13.81 2.30 3.13
O5 XYL D . -15.77 0.52 2.58
S SO4 E . -27.69 -17.94 11.60
O1 SO4 E . -27.63 -17.00 10.49
O2 SO4 E . -26.50 -17.81 12.42
O3 SO4 E . -28.87 -17.64 12.40
O4 SO4 E . -27.75 -19.30 11.07
C1 XYL F . 30.11 18.50 -5.21
C2 XYL F . 29.74 19.49 -6.31
C3 XYL F . 29.52 18.71 -7.61
C4 XYL F . 30.82 17.96 -8.00
C5 XYL F . 30.59 17.14 -9.27
O1 XYL F . 30.31 19.17 -3.96
O2 XYL F . 28.54 20.18 -5.93
O3 XYL F . 29.16 19.62 -8.66
O4 XYL F . 31.89 18.89 -8.26
O5 XYL F . 31.79 16.43 -9.61
S SO4 G . -1.49 6.32 4.60
O1 SO4 G . -1.16 5.25 3.67
O2 SO4 G . -0.30 7.17 4.75
O3 SO4 G . -2.61 7.11 4.10
O4 SO4 G . -1.88 5.73 5.87
S SO4 H . 28.81 12.37 -15.19
O1 SO4 H . 29.52 11.35 -15.94
O2 SO4 H . 29.57 13.61 -15.20
O3 SO4 H . 27.49 12.61 -15.79
O4 SO4 H . 28.61 11.89 -13.82
S SO4 I . 7.42 15.89 -4.84
O1 SO4 I . 7.79 16.81 -5.91
O2 SO4 I . 8.65 15.49 -4.11
O3 SO4 I . 6.50 16.56 -3.92
O4 SO4 I . 6.74 14.73 -5.42
S SO4 J . 22.80 15.83 -16.31
O1 SO4 J . 23.48 16.86 -17.09
O2 SO4 J . 23.55 14.58 -16.44
O3 SO4 J . 21.46 15.62 -16.84
O4 SO4 J . 22.70 16.24 -14.91
#